data_3IFI
# 
_entry.id   3IFI 
# 
_audit_conform.dict_name       mmcif_pdbx.dic 
_audit_conform.dict_version    5.378 
_audit_conform.dict_location   http://mmcif.pdb.org/dictionaries/ascii/mmcif_pdbx.dic 
# 
loop_
_database_2.database_id 
_database_2.database_code 
_database_2.pdbx_database_accession 
_database_2.pdbx_DOI 
PDB   3IFI         pdb_00003ifi 10.2210/pdb3ifi/pdb 
NDB   NA0096       ?            ?                   
RCSB  RCSB054346   ?            ?                   
WWPDB D_1000054346 ?            ?                   
# 
loop_
_pdbx_database_related.db_name 
_pdbx_database_related.db_id 
_pdbx_database_related.details 
_pdbx_database_related.content_type 
PDB 1DNS . unspecified 
PDB 3IFF . unspecified 
# 
_pdbx_database_status.status_code                     REL 
_pdbx_database_status.entry_id                        3IFI 
_pdbx_database_status.recvd_initial_deposition_date   2009-07-24 
_pdbx_database_status.deposit_site                    RCSB 
_pdbx_database_status.process_site                    RCSB 
_pdbx_database_status.status_code_sf                  REL 
_pdbx_database_status.status_code_mr                  ? 
_pdbx_database_status.SG_entry                        ? 
_pdbx_database_status.pdb_format_compatible           Y 
_pdbx_database_status.status_code_cs                  ? 
_pdbx_database_status.status_code_nmr_data            ? 
_pdbx_database_status.methods_development_category    ? 
# 
loop_
_audit_author.name 
_audit_author.pdbx_ordinal 
'Sheng, J.' 1 
'Gan, J.'   2 
'Salon, J.' 3 
'Huang, Z.' 4 
# 
_citation.id                        primary 
_citation.title                     
;Synthesis and crystal structure of 2'-se-modified guanosine containing DNA.
;
_citation.journal_abbrev            J.Org.Chem. 
_citation.journal_volume            75 
_citation.page_first                637 
_citation.page_last                 641 
_citation.year                      2010 
_citation.journal_id_ASTM           JOCEAH 
_citation.country                   US 
_citation.journal_id_ISSN           0022-3263 
_citation.journal_id_CSD            0035 
_citation.book_publisher            ? 
_citation.pdbx_database_id_PubMed   20047333 
_citation.pdbx_database_id_DOI      10.1021/jo902190c 
# 
loop_
_citation_author.citation_id 
_citation_author.name 
_citation_author.ordinal 
_citation_author.identifier_ORCID 
primary 'Salon, J.' 1 ? 
primary 'Sheng, J.' 2 ? 
primary 'Gan, J.'   3 ? 
primary 'Huang, Z.' 4 ? 
# 
_cell.entry_id           3IFI 
_cell.length_a           41.641 
_cell.length_b           41.641 
_cell.length_c           24.112 
_cell.angle_alpha        90.00 
_cell.angle_beta         90.00 
_cell.angle_gamma        90.00 
_cell.Z_PDB              8 
_cell.pdbx_unique_axis   ? 
_cell.length_a_esd       ? 
_cell.length_b_esd       ? 
_cell.length_c_esd       ? 
_cell.angle_alpha_esd    ? 
_cell.angle_beta_esd     ? 
_cell.angle_gamma_esd    ? 
# 
_symmetry.entry_id                         3IFI 
_symmetry.space_group_name_H-M             'P 43 21 2' 
_symmetry.pdbx_full_space_group_name_H-M   ? 
_symmetry.cell_setting                     ? 
_symmetry.Int_Tables_number                96 
_symmetry.space_group_name_Hall            ? 
# 
loop_
_entity.id 
_entity.type 
_entity.src_method 
_entity.pdbx_description 
_entity.formula_weight 
_entity.pdbx_number_of_molecules 
_entity.pdbx_ec 
_entity.pdbx_mutation 
_entity.pdbx_fragment 
_entity.details 
1 polymer syn 
;DNA (5'-D(*GP*TP*(XUG)P*TP*AP*CP*AP*C)-3')
;
2519.604 1  ? ? ? 'selenium modified DNA 8mer' 
2 water   nat water                                        18.015   46 ? ? ? ?                            
# 
_entity_poly.entity_id                      1 
_entity_poly.type                           polydeoxyribonucleotide 
_entity_poly.nstd_linkage                   no 
_entity_poly.nstd_monomer                   yes 
_entity_poly.pdbx_seq_one_letter_code       '(DG)(DT)(XUG)(DT)(DA)(DC)(DA)(DC)' 
_entity_poly.pdbx_seq_one_letter_code_can   GTGTACAC 
_entity_poly.pdbx_strand_id                 A 
_entity_poly.pdbx_target_identifier         ? 
# 
loop_
_entity_poly_seq.entity_id 
_entity_poly_seq.num 
_entity_poly_seq.mon_id 
_entity_poly_seq.hetero 
1 1 DG  n 
1 2 DT  n 
1 3 XUG n 
1 4 DT  n 
1 5 DA  n 
1 6 DC  n 
1 7 DA  n 
1 8 DC  n 
# 
_pdbx_entity_src_syn.entity_id              1 
_pdbx_entity_src_syn.pdbx_src_id            1 
_pdbx_entity_src_syn.pdbx_alt_source_flag   sample 
_pdbx_entity_src_syn.pdbx_beg_seq_num       ? 
_pdbx_entity_src_syn.pdbx_end_seq_num       ? 
_pdbx_entity_src_syn.organism_scientific    ? 
_pdbx_entity_src_syn.organism_common_name   ? 
_pdbx_entity_src_syn.ncbi_taxonomy_id       ? 
_pdbx_entity_src_syn.details                'Synthesized by solid phase synthesis' 
# 
_struct_ref.id                         1 
_struct_ref.db_name                    PDB 
_struct_ref.db_code                    3IFI 
_struct_ref.pdbx_db_accession          3IFI 
_struct_ref.entity_id                  1 
_struct_ref.pdbx_seq_one_letter_code   GTGTACAC 
_struct_ref.pdbx_align_begin           1 
_struct_ref.pdbx_db_isoform            ? 
# 
_struct_ref_seq.align_id                      1 
_struct_ref_seq.ref_id                        1 
_struct_ref_seq.pdbx_PDB_id_code              3IFI 
_struct_ref_seq.pdbx_strand_id                A 
_struct_ref_seq.seq_align_beg                 1 
_struct_ref_seq.pdbx_seq_align_beg_ins_code   ? 
_struct_ref_seq.seq_align_end                 8 
_struct_ref_seq.pdbx_seq_align_end_ins_code   ? 
_struct_ref_seq.pdbx_db_accession             3IFI 
_struct_ref_seq.db_align_beg                  1 
_struct_ref_seq.pdbx_db_align_beg_ins_code    ? 
_struct_ref_seq.db_align_end                  8 
_struct_ref_seq.pdbx_db_align_end_ins_code    ? 
_struct_ref_seq.pdbx_auth_seq_align_beg       1 
_struct_ref_seq.pdbx_auth_seq_align_end       8 
# 
loop_
_chem_comp.id 
_chem_comp.type 
_chem_comp.mon_nstd_flag 
_chem_comp.name 
_chem_comp.pdbx_synonyms 
_chem_comp.formula 
_chem_comp.formula_weight 
DA  'DNA linking' y "2'-DEOXYADENOSINE-5'-MONOPHOSPHATE"                        ? 'C10 H14 N5 O6 P'    331.222 
DC  'DNA linking' y "2'-DEOXYCYTIDINE-5'-MONOPHOSPHATE"                         ? 'C9 H14 N3 O7 P'     307.197 
DG  'DNA linking' y "2'-DEOXYGUANOSINE-5'-MONOPHOSPHATE"                        ? 'C10 H14 N5 O7 P'    347.221 
DT  'DNA linking' y "THYMIDINE-5'-MONOPHOSPHATE"                                ? 'C10 H15 N2 O8 P'    322.208 
HOH non-polymer   . WATER                                                       ? 'H2 O'               18.015  
XUG 'DNA linking' n 
;2'-SE-METHYL-2'-SELENOGUANOSINE 5'-(DIHYDROGEN PHOSPHATE)
;
"(D)-2'-METHYLSELENYL-2'-DEOXYGUANOSINE-5'-PHOSPHATE" 'C11 H16 N5 O7 P Se' 440.208 
# 
_exptl.entry_id          3IFI 
_exptl.method            'X-RAY DIFFRACTION' 
_exptl.crystals_number   1 
# 
_exptl_crystal.id                    1 
_exptl_crystal.density_meas          ? 
_exptl_crystal.density_Matthews      2.07 
_exptl_crystal.density_percent_sol   40.70 
_exptl_crystal.description           ? 
_exptl_crystal.F_000                 ? 
_exptl_crystal.preparation           ? 
# 
_exptl_crystal_grow.crystal_id      1 
_exptl_crystal_grow.method          'VAPOR DIFFUSION, HANGING DROP' 
_exptl_crystal_grow.temp            293 
_exptl_crystal_grow.temp_details    ? 
_exptl_crystal_grow.pH              6.0 
_exptl_crystal_grow.pdbx_details    
;10% v / v MPD, 40 mM Na Cacodylate pH 6.0, 12 mM Spermine tetra-HCl, 80 mM Strontium Chloride, VAPOR DIFFUSION, HANGING DROP, temperature 293K
;
_exptl_crystal_grow.pdbx_pH_range   ? 
# 
_diffrn.id                     1 
_diffrn.ambient_temp           99 
_diffrn.ambient_temp_details   ? 
_diffrn.crystal_id             1 
# 
_diffrn_detector.diffrn_id              1 
_diffrn_detector.detector               CCD 
_diffrn_detector.type                   'ADSC QUANTUM 210' 
_diffrn_detector.pdbx_collection_date   2009-03-25 
_diffrn_detector.details                ? 
# 
_diffrn_radiation.diffrn_id                        1 
_diffrn_radiation.wavelength_id                    1 
_diffrn_radiation.pdbx_monochromatic_or_laue_m_l   M 
_diffrn_radiation.monochromator                    'Si(lll)' 
_diffrn_radiation.pdbx_diffrn_protocol             'SINGLE WAVELENGTH' 
_diffrn_radiation.pdbx_scattering_type             x-ray 
# 
_diffrn_radiation_wavelength.id           1 
_diffrn_radiation_wavelength.wavelength   0.9795 
_diffrn_radiation_wavelength.wt           1.0 
# 
_diffrn_source.diffrn_id                   1 
_diffrn_source.source                      SYNCHROTRON 
_diffrn_source.type                        'NSLS BEAMLINE X12C' 
_diffrn_source.pdbx_synchrotron_site       NSLS 
_diffrn_source.pdbx_synchrotron_beamline   X12C 
_diffrn_source.pdbx_wavelength             ? 
_diffrn_source.pdbx_wavelength_list        0.9795 
# 
_reflns.entry_id                     3IFI 
_reflns.observed_criterion_sigma_I   ? 
_reflns.observed_criterion_sigma_F   ? 
_reflns.d_resolution_low             50 
_reflns.d_resolution_high            1.2 
_reflns.number_obs                   6376 
_reflns.number_all                   7069 
_reflns.percent_possible_obs         90.2 
_reflns.pdbx_Rmerge_I_obs            0.065 
_reflns.pdbx_Rsym_value              ? 
_reflns.pdbx_netI_over_sigmaI        52.8 
_reflns.B_iso_Wilson_estimate        ? 
_reflns.pdbx_redundancy              13 
_reflns.R_free_details               ? 
_reflns.limit_h_max                  ? 
_reflns.limit_h_min                  ? 
_reflns.limit_k_max                  ? 
_reflns.limit_k_min                  ? 
_reflns.limit_l_max                  ? 
_reflns.limit_l_min                  ? 
_reflns.observed_criterion_F_max     ? 
_reflns.observed_criterion_F_min     ? 
_reflns.pdbx_chi_squared             ? 
_reflns.pdbx_scaling_rejects         ? 
_reflns.pdbx_ordinal                 1 
_reflns.pdbx_diffrn_id               1 
# 
_reflns_shell.d_res_high             1.20 
_reflns_shell.d_res_low              1.22 
_reflns_shell.percent_possible_all   47.1 
_reflns_shell.Rmerge_I_obs           0.32 
_reflns_shell.pdbx_Rsym_value        ? 
_reflns_shell.meanI_over_sigI_obs    4.16 
_reflns_shell.pdbx_redundancy        3.2 
_reflns_shell.percent_possible_obs   ? 
_reflns_shell.number_unique_all      160 
_reflns_shell.number_measured_all    ? 
_reflns_shell.number_measured_obs    ? 
_reflns_shell.number_unique_obs      ? 
_reflns_shell.pdbx_chi_squared       ? 
_reflns_shell.pdbx_ordinal           1 
_reflns_shell.pdbx_diffrn_id         1 
# 
_refine.entry_id                                 3IFI 
_refine.ls_number_reflns_obs                     5901 
_refine.ls_number_reflns_all                     6693 
_refine.pdbx_ls_sigma_I                          ? 
_refine.pdbx_ls_sigma_F                          . 
_refine.pdbx_data_cutoff_high_absF               ? 
_refine.pdbx_data_cutoff_low_absF                ? 
_refine.pdbx_data_cutoff_high_rms_absF           ? 
_refine.ls_d_res_low                             29.45 
_refine.ls_d_res_high                            1.20 
_refine.ls_percent_reflns_obs                    88.17 
_refine.ls_R_factor_obs                          0.203 
_refine.ls_R_factor_all                          0.203 
_refine.ls_R_factor_R_work                       0.202 
_refine.ls_R_factor_R_free                       0.221 
_refine.ls_R_factor_R_free_error                 ? 
_refine.ls_R_factor_R_free_error_details         ? 
_refine.ls_percent_reflns_R_free                 4.8 
_refine.ls_number_reflns_R_free                  295 
_refine.ls_number_parameters                     ? 
_refine.ls_number_restraints                     ? 
_refine.occupancy_min                            ? 
_refine.occupancy_max                            ? 
_refine.correlation_coeff_Fo_to_Fc               0.951 
_refine.correlation_coeff_Fo_to_Fc_free          0.948 
_refine.B_iso_mean                               13.545 
_refine.aniso_B[1][1]                            0.05 
_refine.aniso_B[2][2]                            0.05 
_refine.aniso_B[3][3]                            -0.10 
_refine.aniso_B[1][2]                            0.00 
_refine.aniso_B[1][3]                            0.00 
_refine.aniso_B[2][3]                            0.00 
_refine.solvent_model_details                    MASK 
_refine.solvent_model_param_ksol                 ? 
_refine.solvent_model_param_bsol                 ? 
_refine.pdbx_solvent_vdw_probe_radii             1.20 
_refine.pdbx_solvent_ion_probe_radii             0.80 
_refine.pdbx_solvent_shrinkage_radii             0.80 
_refine.pdbx_ls_cross_valid_method               THROUGHOUT 
_refine.details                                  'HYDROGENS HAVE BEEN ADDED IN THE RIDING POSITIONS' 
_refine.pdbx_starting_model                      1DNS 
_refine.pdbx_method_to_determine_struct          'MOLECULAR REPLACEMENT' 
_refine.pdbx_isotropic_thermal_model             Isotropic 
_refine.pdbx_stereochemistry_target_values       'MAXIMUM LIKELIHOOD' 
_refine.pdbx_stereochem_target_val_spec_case     ? 
_refine.pdbx_R_Free_selection_details            RANDOM 
_refine.pdbx_overall_ESU_R                       0.052 
_refine.pdbx_overall_ESU_R_Free                  0.053 
_refine.overall_SU_ML                            0.029 
_refine.overall_SU_B                             1.333 
_refine.ls_redundancy_reflns_obs                 ? 
_refine.B_iso_min                                ? 
_refine.B_iso_max                                ? 
_refine.overall_SU_R_Cruickshank_DPI             ? 
_refine.overall_SU_R_free                        ? 
_refine.ls_wR_factor_R_free                      ? 
_refine.ls_wR_factor_R_work                      ? 
_refine.overall_FOM_free_R_set                   ? 
_refine.overall_FOM_work_R_set                   ? 
_refine.pdbx_overall_phase_error                 ? 
_refine.pdbx_refine_id                           'X-RAY DIFFRACTION' 
_refine.pdbx_TLS_residual_ADP_flag               'LIKELY RESIDUAL' 
_refine.pdbx_diffrn_id                           1 
_refine.pdbx_overall_SU_R_free_Cruickshank_DPI   ? 
_refine.pdbx_overall_SU_R_Blow_DPI               ? 
_refine.pdbx_overall_SU_R_free_Blow_DPI          ? 
# 
_refine_analyze.entry_id                        3IFI 
_refine_analyze.Luzzati_coordinate_error_obs    0.052 
_refine_analyze.Luzzati_sigma_a_obs             0.029 
_refine_analyze.Luzzati_d_res_low_obs           ? 
_refine_analyze.Luzzati_coordinate_error_free   0.053 
_refine_analyze.Luzzati_sigma_a_free            ? 
_refine_analyze.Luzzati_d_res_low_free          ? 
_refine_analyze.number_disordered_residues      ? 
_refine_analyze.occupancy_sum_hydrogen          ? 
_refine_analyze.occupancy_sum_non_hydrogen      ? 
_refine_analyze.pdbx_Luzzati_d_res_high_obs     ? 
_refine_analyze.pdbx_refine_id                  'X-RAY DIFFRACTION' 
# 
_refine_hist.pdbx_refine_id                   'X-RAY DIFFRACTION' 
_refine_hist.cycle_id                         LAST 
_refine_hist.pdbx_number_atoms_protein        0 
_refine_hist.pdbx_number_atoms_nucleic_acid   163 
_refine_hist.pdbx_number_atoms_ligand         0 
_refine_hist.number_atoms_solvent             46 
_refine_hist.number_atoms_total               209 
_refine_hist.d_res_high                       1.20 
_refine_hist.d_res_low                        29.45 
# 
loop_
_refine_ls_restr.type 
_refine_ls_restr.dev_ideal 
_refine_ls_restr.dev_ideal_target 
_refine_ls_restr.weight 
_refine_ls_restr.number 
_refine_ls_restr.pdbx_refine_id 
_refine_ls_restr.pdbx_restraint_function 
r_bond_refined_d         0.004 0.021 ? 182 'X-RAY DIFFRACTION' ? 
r_angle_refined_deg      1.144 3.000 ? 279 'X-RAY DIFFRACTION' ? 
r_chiral_restr           0.058 0.200 ? 31  'X-RAY DIFFRACTION' ? 
r_gen_planes_refined     0.008 0.020 ? 84  'X-RAY DIFFRACTION' ? 
r_nbd_refined            0.127 0.200 ? 54  'X-RAY DIFFRACTION' ? 
r_nbtor_refined          0.264 0.200 ? 110 'X-RAY DIFFRACTION' ? 
r_xyhbond_nbd_refined    0.095 0.200 ? 24  'X-RAY DIFFRACTION' ? 
r_symmetry_vdw_refined   0.183 0.200 ? 22  'X-RAY DIFFRACTION' ? 
r_symmetry_hbond_refined 0.124 0.200 ? 24  'X-RAY DIFFRACTION' ? 
r_scbond_it              0.689 3.000 ? 264 'X-RAY DIFFRACTION' ? 
r_scangle_it             1.062 4.500 ? 279 'X-RAY DIFFRACTION' ? 
# 
_refine_ls_shell.pdbx_total_number_of_bins_used   20 
_refine_ls_shell.d_res_high                       1.200 
_refine_ls_shell.d_res_low                        1.231 
_refine_ls_shell.number_reflns_R_work             205 
_refine_ls_shell.R_factor_R_work                  0.389 
_refine_ls_shell.percent_reflns_obs               42.15 
_refine_ls_shell.R_factor_R_free                  0.304 
_refine_ls_shell.R_factor_R_free_error            ? 
_refine_ls_shell.percent_reflns_R_free            ? 
_refine_ls_shell.number_reflns_R_free             7 
_refine_ls_shell.number_reflns_all                ? 
_refine_ls_shell.R_factor_all                     ? 
_refine_ls_shell.number_reflns_obs                ? 
_refine_ls_shell.redundancy_reflns_obs            ? 
_refine_ls_shell.pdbx_refine_id                   'X-RAY DIFFRACTION' 
# 
_struct.entry_id                  3IFI 
_struct.title                     
;2'-SeMe-dG modified octamer DNA
;
_struct.pdbx_model_details        ? 
_struct.pdbx_CASP_flag            ? 
_struct.pdbx_model_type_details   ? 
# 
_struct_keywords.entry_id        3IFI 
_struct_keywords.pdbx_keywords   DNA 
_struct_keywords.text            'Selenium, nucleic acid, guanosine, DNA' 
# 
loop_
_struct_asym.id 
_struct_asym.pdbx_blank_PDB_chainid_flag 
_struct_asym.pdbx_modified 
_struct_asym.entity_id 
_struct_asym.details 
A N N 1 ? 
B N N 2 ? 
# 
_struct_biol.id        1 
_struct_biol.details   'The DNA was synthesized by solid phase synthesis and purified by HPLC' 
# 
loop_
_struct_conn.id 
_struct_conn.conn_type_id 
_struct_conn.pdbx_leaving_atom_flag 
_struct_conn.pdbx_PDB_id 
_struct_conn.ptnr1_label_asym_id 
_struct_conn.ptnr1_label_comp_id 
_struct_conn.ptnr1_label_seq_id 
_struct_conn.ptnr1_label_atom_id 
_struct_conn.pdbx_ptnr1_label_alt_id 
_struct_conn.pdbx_ptnr1_PDB_ins_code 
_struct_conn.pdbx_ptnr1_standard_comp_id 
_struct_conn.ptnr1_symmetry 
_struct_conn.ptnr2_label_asym_id 
_struct_conn.ptnr2_label_comp_id 
_struct_conn.ptnr2_label_seq_id 
_struct_conn.ptnr2_label_atom_id 
_struct_conn.pdbx_ptnr2_label_alt_id 
_struct_conn.pdbx_ptnr2_PDB_ins_code 
_struct_conn.ptnr1_auth_asym_id 
_struct_conn.ptnr1_auth_comp_id 
_struct_conn.ptnr1_auth_seq_id 
_struct_conn.ptnr2_auth_asym_id 
_struct_conn.ptnr2_auth_comp_id 
_struct_conn.ptnr2_auth_seq_id 
_struct_conn.ptnr2_symmetry 
_struct_conn.pdbx_ptnr3_label_atom_id 
_struct_conn.pdbx_ptnr3_label_seq_id 
_struct_conn.pdbx_ptnr3_label_comp_id 
_struct_conn.pdbx_ptnr3_label_asym_id 
_struct_conn.pdbx_ptnr3_label_alt_id 
_struct_conn.pdbx_ptnr3_PDB_ins_code 
_struct_conn.details 
_struct_conn.pdbx_dist_value 
_struct_conn.pdbx_value_order 
_struct_conn.pdbx_role 
covale1  covale both ? A DT  2 "O3'" ? ? ? 1_555 A XUG 3 P  ? ? A DT  2 A XUG 3 1_555 ? ? ? ? ? ? ?            1.601 ? ? 
covale2  covale both ? A XUG 3 "O3'" ? ? ? 1_555 A DT  4 P  ? ? A XUG 3 A DT  4 1_555 ? ? ? ? ? ? ?            1.600 ? ? 
hydrog1  hydrog ?    ? A DG  1 N1    ? ? ? 1_555 A DC  8 N3 ? ? A DG  1 A DC  8 7_644 ? ? ? ? ? ? WATSON-CRICK ?     ? ? 
hydrog2  hydrog ?    ? A DG  1 N2    ? ? ? 1_555 A DC  8 O2 ? ? A DG  1 A DC  8 7_644 ? ? ? ? ? ? WATSON-CRICK ?     ? ? 
hydrog3  hydrog ?    ? A DG  1 O6    ? ? ? 1_555 A DC  8 N4 ? ? A DG  1 A DC  8 7_644 ? ? ? ? ? ? WATSON-CRICK ?     ? ? 
hydrog4  hydrog ?    ? A DT  2 N3    ? ? ? 1_555 A DA  7 N1 ? ? A DT  2 A DA  7 7_644 ? ? ? ? ? ? WATSON-CRICK ?     ? ? 
hydrog5  hydrog ?    ? A DT  2 O4    ? ? ? 1_555 A DA  7 N6 ? ? A DT  2 A DA  7 7_644 ? ? ? ? ? ? WATSON-CRICK ?     ? ? 
hydrog6  hydrog ?    ? A XUG 3 N1    ? ? ? 1_555 A DC  6 N3 ? ? A XUG 3 A DC  6 7_644 ? ? ? ? ? ? WATSON-CRICK ?     ? ? 
hydrog7  hydrog ?    ? A XUG 3 N2    ? ? ? 1_555 A DC  6 O2 ? ? A XUG 3 A DC  6 7_644 ? ? ? ? ? ? WATSON-CRICK ?     ? ? 
hydrog8  hydrog ?    ? A XUG 3 O6    ? ? ? 1_555 A DC  6 N4 ? ? A XUG 3 A DC  6 7_644 ? ? ? ? ? ? WATSON-CRICK ?     ? ? 
hydrog9  hydrog ?    ? A DT  4 N3    ? ? ? 1_555 A DA  5 N1 ? ? A DT  4 A DA  5 7_644 ? ? ? ? ? ? WATSON-CRICK ?     ? ? 
hydrog10 hydrog ?    ? A DT  4 O4    ? ? ? 1_555 A DA  5 N6 ? ? A DT  4 A DA  5 7_644 ? ? ? ? ? ? WATSON-CRICK ?     ? ? 
hydrog11 hydrog ?    ? A DA  5 N1    ? ? ? 1_555 A DT  4 N3 ? ? A DA  5 A DT  4 7_644 ? ? ? ? ? ? WATSON-CRICK ?     ? ? 
hydrog12 hydrog ?    ? A DA  5 N6    ? ? ? 1_555 A DT  4 O4 ? ? A DA  5 A DT  4 7_644 ? ? ? ? ? ? WATSON-CRICK ?     ? ? 
hydrog13 hydrog ?    ? A DC  6 N3    ? ? ? 1_555 A XUG 3 N1 ? ? A DC  6 A XUG 3 7_644 ? ? ? ? ? ? WATSON-CRICK ?     ? ? 
hydrog14 hydrog ?    ? A DC  6 N4    ? ? ? 1_555 A XUG 3 O6 ? ? A DC  6 A XUG 3 7_644 ? ? ? ? ? ? WATSON-CRICK ?     ? ? 
hydrog15 hydrog ?    ? A DC  6 O2    ? ? ? 1_555 A XUG 3 N2 ? ? A DC  6 A XUG 3 7_644 ? ? ? ? ? ? WATSON-CRICK ?     ? ? 
hydrog16 hydrog ?    ? A DA  7 N1    ? ? ? 1_555 A DT  2 N3 ? ? A DA  7 A DT  2 7_644 ? ? ? ? ? ? WATSON-CRICK ?     ? ? 
hydrog17 hydrog ?    ? A DA  7 N6    ? ? ? 1_555 A DT  2 O4 ? ? A DA  7 A DT  2 7_644 ? ? ? ? ? ? WATSON-CRICK ?     ? ? 
hydrog18 hydrog ?    ? A DC  8 N3    ? ? ? 1_555 A DG  1 N1 ? ? A DC  8 A DG  1 7_644 ? ? ? ? ? ? WATSON-CRICK ?     ? ? 
hydrog19 hydrog ?    ? A DC  8 N4    ? ? ? 1_555 A DG  1 O6 ? ? A DC  8 A DG  1 7_644 ? ? ? ? ? ? WATSON-CRICK ?     ? ? 
hydrog20 hydrog ?    ? A DC  8 O2    ? ? ? 1_555 A DG  1 N2 ? ? A DC  8 A DG  1 7_644 ? ? ? ? ? ? WATSON-CRICK ?     ? ? 
# 
loop_
_struct_conn_type.id 
_struct_conn_type.criteria 
_struct_conn_type.reference 
covale ? ? 
hydrog ? ? 
# 
_atom_sites.entry_id                    3IFI 
_atom_sites.fract_transf_matrix[1][1]   0.00371951 
_atom_sites.fract_transf_matrix[1][2]   -0.01793819 
_atom_sites.fract_transf_matrix[1][3]   0.01552762 
_atom_sites.fract_transf_matrix[2][1]   0.01635479 
_atom_sites.fract_transf_matrix[2][2]   0.01332476 
_atom_sites.fract_transf_matrix[2][3]   0.01147570 
_atom_sites.fract_transf_matrix[3][1]   -0.02968197 
_atom_sites.fract_transf_matrix[3][2]   0.01519259 
_atom_sites.fract_transf_matrix[3][3]   0.02466122 
_atom_sites.fract_transf_vector[1]      -0.233700 
_atom_sites.fract_transf_vector[2]      -1.216350 
_atom_sites.fract_transf_vector[3]      -0.369286 
# 
loop_
_atom_type.symbol 
C  
N  
O  
P  
SE 
# 
loop_
_atom_site.group_PDB 
_atom_site.id 
_atom_site.type_symbol 
_atom_site.label_atom_id 
_atom_site.label_alt_id 
_atom_site.label_comp_id 
_atom_site.label_asym_id 
_atom_site.label_entity_id 
_atom_site.label_seq_id 
_atom_site.pdbx_PDB_ins_code 
_atom_site.Cartn_x 
_atom_site.Cartn_y 
_atom_site.Cartn_z 
_atom_site.occupancy 
_atom_site.B_iso_or_equiv 
_atom_site.pdbx_formal_charge 
_atom_site.auth_seq_id 
_atom_site.auth_comp_id 
_atom_site.auth_asym_id 
_atom_site.auth_atom_id 
_atom_site.pdbx_PDB_model_num 
ATOM   1   O  "O5'"  . DG  A 1 1 ? 13.691  0.638   1.911  1.00 14.60 ? 1   DG  A "O5'"  1 
ATOM   2   C  "C5'"  . DG  A 1 1 ? 14.514  1.260   2.891  1.00 13.98 ? 1   DG  A "C5'"  1 
ATOM   3   C  "C4'"  . DG  A 1 1 ? 14.295  2.761   2.938  1.00 13.05 ? 1   DG  A "C4'"  1 
ATOM   4   O  "O4'"  . DG  A 1 1 ? 14.668  3.341   1.662  1.00 12.35 ? 1   DG  A "O4'"  1 
ATOM   5   C  "C3'"  . DG  A 1 1 ? 12.855  3.208   3.166  1.00 12.53 ? 1   DG  A "C3'"  1 
ATOM   6   O  "O3'"  . DG  A 1 1 ? 12.536  3.230   4.564  1.00 12.61 ? 1   DG  A "O3'"  1 
ATOM   7   C  "C2'"  . DG  A 1 1 ? 12.875  4.603   2.554  1.00 12.34 ? 1   DG  A "C2'"  1 
ATOM   8   C  "C1'"  . DG  A 1 1 ? 13.774  4.387   1.339  1.00 12.01 ? 1   DG  A "C1'"  1 
ATOM   9   N  N9     . DG  A 1 1 ? 13.006  4.012   0.156  1.00 11.70 ? 1   DG  A N9     1 
ATOM   10  C  C8     . DG  A 1 1 ? 12.914  2.764   -0.410 1.00 11.93 ? 1   DG  A C8     1 
ATOM   11  N  N7     . DG  A 1 1 ? 12.147  2.734   -1.463 1.00 11.64 ? 1   DG  A N7     1 
ATOM   12  C  C5     . DG  A 1 1 ? 11.689  4.036   -1.601 1.00 11.34 ? 1   DG  A C5     1 
ATOM   13  C  C6     . DG  A 1 1 ? 10.820  4.614   -2.562 1.00 11.67 ? 1   DG  A C6     1 
ATOM   14  O  O6     . DG  A 1 1 ? 10.255  4.060   -3.520 1.00 11.57 ? 1   DG  A O6     1 
ATOM   15  N  N1     . DG  A 1 1 ? 10.620  5.981   -2.343 1.00 11.38 ? 1   DG  A N1     1 
ATOM   16  C  C2     . DG  A 1 1 ? 11.190  6.705   -1.317 1.00 11.49 ? 1   DG  A C2     1 
ATOM   17  N  N2     . DG  A 1 1 ? 10.878  8.014   -1.260 1.00 11.97 ? 1   DG  A N2     1 
ATOM   18  N  N3     . DG  A 1 1 ? 12.002  6.169   -0.409 1.00 10.81 ? 1   DG  A N3     1 
ATOM   19  C  C4     . DG  A 1 1 ? 12.213  4.841   -0.608 1.00 11.15 ? 1   DG  A C4     1 
ATOM   20  P  P      . DT  A 1 2 ? 11.073  2.847   5.095  1.00 12.55 ? 2   DT  A P      1 
ATOM   21  O  OP1    . DT  A 1 2 ? 11.141  2.916   6.567  1.00 13.67 ? 2   DT  A OP1    1 
ATOM   22  O  OP2    . DT  A 1 2 ? 10.638  1.589   4.446  1.00 12.75 ? 2   DT  A OP2    1 
ATOM   23  O  "O5'"  . DT  A 1 2 ? 10.125  4.013   4.559  1.00 12.09 ? 2   DT  A "O5'"  1 
ATOM   24  C  "C5'"  . DT  A 1 2 ? 10.199  5.320   5.106  1.00 12.14 ? 2   DT  A "C5'"  1 
ATOM   25  C  "C4'"  . DT  A 1 2 ? 9.372   6.296   4.293  1.00 11.81 ? 2   DT  A "C4'"  1 
ATOM   26  O  "O4'"  . DT  A 1 2 ? 9.818   6.293   2.915  1.00 11.12 ? 2   DT  A "O4'"  1 
ATOM   27  C  "C3'"  . DT  A 1 2 ? 7.897   5.959   4.218  1.00 11.77 ? 2   DT  A "C3'"  1 
ATOM   28  O  "O3'"  . DT  A 1 2 ? 7.296   6.488   5.394  1.00 12.10 ? 2   DT  A "O3'"  1 
ATOM   29  C  "C2'"  . DT  A 1 2 ? 7.496   6.725   2.964  1.00 11.22 ? 2   DT  A "C2'"  1 
ATOM   30  C  "C1'"  . DT  A 1 2 ? 8.716   6.532   2.065  1.00 10.82 ? 2   DT  A "C1'"  1 
ATOM   31  N  N1     . DT  A 1 2 ? 8.567   5.411   1.080  1.00 10.12 ? 2   DT  A N1     1 
ATOM   32  C  C2     . DT  A 1 2 ? 7.890   5.674   -0.097 1.00 10.04 ? 2   DT  A C2     1 
ATOM   33  O  O2     . DT  A 1 2 ? 7.419   6.761   -0.371 1.00 10.84 ? 2   DT  A O2     1 
ATOM   34  N  N3     . DT  A 1 2 ? 7.792   4.604   -0.947 1.00 10.43 ? 2   DT  A N3     1 
ATOM   35  C  C4     . DT  A 1 2 ? 8.272   3.319   -0.749 1.00 10.86 ? 2   DT  A C4     1 
ATOM   36  O  O4     . DT  A 1 2 ? 8.111   2.443   -1.601 1.00 11.15 ? 2   DT  A O4     1 
ATOM   37  C  C5     . DT  A 1 2 ? 8.961   3.106   0.506  1.00 11.05 ? 2   DT  A C5     1 
ATOM   38  C  C7     . DT  A 1 2 ? 9.533   1.752   0.830  1.00 11.33 ? 2   DT  A C7     1 
ATOM   39  C  C6     . DT  A 1 2 ? 9.074   4.145   1.348  1.00 10.48 ? 2   DT  A C6     1 
HETATM 40  O  O6     . XUG A 1 3 ? 4.871   1.472   -2.459 1.00 10.43 ? 3   XUG A O6     1 
HETATM 41  C  C6     . XUG A 1 3 ? 4.384   2.596   -2.237 1.00 9.03  ? 3   XUG A C6     1 
HETATM 42  C  C5     . XUG A 1 3 ? 4.516   3.387   -1.061 1.00 9.01  ? 3   XUG A C5     1 
HETATM 43  N  N7     . XUG A 1 3 ? 5.189   3.137   0.132  1.00 9.60  ? 3   XUG A N7     1 
HETATM 44  C  C8     . XUG A 1 3 ? 4.983   4.209   0.853  1.00 9.70  ? 3   XUG A C8     1 
HETATM 45  N  N1     . XUG A 1 3 ? 3.618   3.224   -3.224 1.00 9.56  ? 3   XUG A N1     1 
HETATM 46  C  C2     . XUG A 1 3 ? 3.046   4.473   -3.088 1.00 8.86  ? 3   XUG A C2     1 
HETATM 47  N  N2     . XUG A 1 3 ? 2.337   4.932   -4.130 1.00 9.08  ? 3   XUG A N2     1 
HETATM 48  N  N3     . XUG A 1 3 ? 3.167   5.224   -1.996 1.00 9.27  ? 3   XUG A N3     1 
HETATM 49  C  C4     . XUG A 1 3 ? 3.912   4.626   -1.027 1.00 9.20  ? 3   XUG A C4     1 
HETATM 50  N  N9     . XUG A 1 3 ? 4.211   5.155   0.213  1.00 9.27  ? 3   XUG A N9     1 
HETATM 51  C  "C1'"  . XUG A 1 3 ? 3.822   6.475   0.714  1.00 10.10 ? 3   XUG A "C1'"  1 
HETATM 52  O  "O4'"  . XUG A 1 3 ? 4.403   6.690   1.991  1.00 10.00 ? 3   XUG A "O4'"  1 
HETATM 53  C  "C2'"  . XUG A 1 3 ? 2.328   6.741   0.827  1.00 10.02 ? 3   XUG A "C2'"  1 
HETATM 54  SE "SE2'" . XUG A 1 3 ? 1.980   8.653   0.516  0.70 13.01 ? 3   XUG A "SE2'" 1 
HETATM 55  C  "CA'"  . XUG A 1 3 ? 2.670   9.025   -1.281 1.00 14.32 ? 3   XUG A "CA'"  1 
HETATM 56  C  "C3'"  . XUG A 1 3 ? 2.100   6.348   2.279  1.00 10.50 ? 3   XUG A "C3'"  1 
HETATM 57  O  "O3'"  . XUG A 1 3 ? 0.955   6.977   2.825  1.00 10.92 ? 3   XUG A "O3'"  1 
HETATM 58  C  "C4'"  . XUG A 1 3 ? 3.353   6.853   2.976  1.00 10.41 ? 3   XUG A "C4'"  1 
HETATM 59  C  "C5'"  . XUG A 1 3 ? 3.732   6.100   4.231  1.00 11.00 ? 3   XUG A "C5'"  1 
HETATM 60  O  "O5'"  . XUG A 1 3 ? 4.867   6.740   4.760  1.00 12.06 ? 3   XUG A "O5'"  1 
HETATM 61  P  P      . XUG A 1 3 ? 5.820   6.085   5.865  1.00 13.31 ? 3   XUG A P      1 
HETATM 62  O  OP1    . XUG A 1 3 ? 5.591   6.806   7.136  1.00 13.58 ? 3   XUG A OP1    1 
HETATM 63  O  OP2    . XUG A 1 3 ? 5.683   4.617   5.832  1.00 12.98 ? 3   XUG A OP2    1 
ATOM   64  P  P      . DT  A 1 4 ? -0.437  6.189   2.872  1.00 12.14 ? 4   DT  A P      1 
ATOM   65  O  OP1    . DT  A 1 4 ? -1.399  7.079   3.553  1.00 13.00 ? 4   DT  A OP1    1 
ATOM   66  O  OP2    . DT  A 1 4 ? -0.198  4.850   3.439  1.00 13.75 ? 4   DT  A OP2    1 
ATOM   67  O  "O5'"  . DT  A 1 4 ? -0.871  6.012   1.344  1.00 12.60 ? 4   DT  A "O5'"  1 
ATOM   68  C  "C5'"  . DT  A 1 4 ? -1.420  7.074   0.569  1.00 12.46 ? 4   DT  A "C5'"  1 
ATOM   69  C  "C4'"  . DT  A 1 4 ? -1.912  6.560   -0.771 1.00 11.77 ? 4   DT  A "C4'"  1 
ATOM   70  O  "O4'"  . DT  A 1 4 ? -0.778  6.131   -1.569 1.00 11.50 ? 4   DT  A "O4'"  1 
ATOM   71  C  "C3'"  . DT  A 1 4 ? -2.807  5.331   -0.692 1.00 11.19 ? 4   DT  A "C3'"  1 
ATOM   72  O  "O3'"  . DT  A 1 4 ? -4.139  5.730   -0.442 1.00 10.59 ? 4   DT  A "O3'"  1 
ATOM   73  C  "C2'"  . DT  A 1 4 ? -2.639  4.751   -2.087 1.00 10.65 ? 4   DT  A "C2'"  1 
ATOM   74  C  "C1'"  . DT  A 1 4 ? -1.151  4.979   -2.306 1.00 11.03 ? 4   DT  A "C1'"  1 
ATOM   75  N  N1     . DT  A 1 4 ? -0.297  3.806   -1.929 1.00 10.41 ? 4   DT  A N1     1 
ATOM   76  C  C2     . DT  A 1 4 ? -0.133  2.808   -2.870 1.00 10.76 ? 4   DT  A C2     1 
ATOM   77  O  O2     . DT  A 1 4 ? -0.656  2.827   -3.969 1.00 10.84 ? 4   DT  A O2     1 
ATOM   78  N  N3     . DT  A 1 4 ? 0.663   1.767   -2.479 1.00 9.76  ? 4   DT  A N3     1 
ATOM   79  C  C4     . DT  A 1 4 ? 1.293   1.614   -1.266 1.00 9.81  ? 4   DT  A C4     1 
ATOM   80  O  O4     . DT  A 1 4 ? 2.000   0.636   -1.034 1.00 10.37 ? 4   DT  A O4     1 
ATOM   81  C  C5     . DT  A 1 4 ? 1.072   2.679   -0.309 1.00 10.27 ? 4   DT  A C5     1 
ATOM   82  C  C7     . DT  A 1 4 ? 1.699   2.619   1.052  1.00 11.29 ? 4   DT  A C7     1 
ATOM   83  C  C6     . DT  A 1 4 ? 0.298   3.713   -0.681 1.00 10.75 ? 4   DT  A C6     1 
ATOM   84  P  P      . DA  A 1 5 ? -5.232  4.668   0.044  1.00 11.35 ? 5   DA  A P      1 
ATOM   85  O  OP1    . DA  A 1 5 ? -6.368  5.441   0.586  1.00 11.88 ? 5   DA  A OP1    1 
ATOM   86  O  OP2    . DA  A 1 5 ? -4.567  3.626   0.865  1.00 13.83 ? 5   DA  A OP2    1 
ATOM   87  O  "O5'"  . DA  A 1 5 ? -5.682  4.007   -1.340 1.00 10.32 ? 5   DA  A "O5'"  1 
ATOM   88  C  "C5'"  . DA  A 1 5 ? -6.127  2.660   -1.412 1.00 10.00 ? 5   DA  A "C5'"  1 
ATOM   89  C  "C4'"  . DA  A 1 5 ? -5.991  2.173   -2.843 1.00 9.86  ? 5   DA  A "C4'"  1 
ATOM   90  O  "O4'"  . DA  A 1 5 ? -4.619  2.315   -3.277 1.00 9.56  ? 5   DA  A "O4'"  1 
ATOM   91  C  "C3'"  . DA  A 1 5 ? -6.344  0.705   -3.052 1.00 9.43  ? 5   DA  A "C3'"  1 
ATOM   92  O  "O3'"  . DA  A 1 5 ? -7.717  0.583   -3.374 1.00 9.44  ? 5   DA  A "O3'"  1 
ATOM   93  C  "C2'"  . DA  A 1 5 ? -5.457  0.309   -4.222 1.00 9.47  ? 5   DA  A "C2'"  1 
ATOM   94  C  "C1'"  . DA  A 1 5 ? -4.203  1.124   -3.918 1.00 9.93  ? 5   DA  A "C1'"  1 
ATOM   95  N  N9     . DA  A 1 5 ? -3.189  0.487   -3.075 1.00 9.32  ? 5   DA  A N9     1 
ATOM   96  C  C8     . DA  A 1 5 ? -2.819  0.831   -1.802 1.00 9.72  ? 5   DA  A C8     1 
ATOM   97  N  N7     . DA  A 1 5 ? -1.851  0.094   -1.316 1.00 9.25  ? 5   DA  A N7     1 
ATOM   98  C  C5     . DA  A 1 5 ? -1.547  -0.778  -2.342 1.00 9.29  ? 5   DA  A C5     1 
ATOM   99  C  C6     . DA  A 1 5 ? -0.601  -1.822  -2.465 1.00 9.89  ? 5   DA  A C6     1 
ATOM   100 N  N6     . DA  A 1 5 ? 0.254   -2.158  -1.494 1.00 10.52 ? 5   DA  A N6     1 
ATOM   101 N  N1     . DA  A 1 5 ? -0.569  -2.500  -3.629 1.00 9.37  ? 5   DA  A N1     1 
ATOM   102 C  C2     . DA  A 1 5 ? -1.423  -2.178  -4.604 1.00 9.98  ? 5   DA  A C2     1 
ATOM   103 N  N3     . DA  A 1 5 ? -2.348  -1.215  -4.603 1.00 10.38 ? 5   DA  A N3     1 
ATOM   104 C  C4     . DA  A 1 5 ? -2.361  -0.550  -3.433 1.00 9.79  ? 5   DA  A C4     1 
ATOM   105 P  P      . DC  A 1 6 ? -8.583  -0.607  -2.752 1.00 10.47 ? 6   DC  A P      1 
ATOM   106 O  OP1    . DC  A 1 6 ? -9.973  -0.401  -3.215 1.00 11.58 ? 6   DC  A OP1    1 
ATOM   107 O  OP2    . DC  A 1 6 ? -8.291  -0.707  -1.305 1.00 11.61 ? 6   DC  A OP2    1 
ATOM   108 O  "O5'"  . DC  A 1 6 ? -8.001  -1.918  -3.452 1.00 10.58 ? 6   DC  A "O5'"  1 
ATOM   109 C  "C5'"  . DC  A 1 6 ? -8.280  -2.190  -4.819 1.00 10.76 ? 6   DC  A "C5'"  1 
ATOM   110 C  "C4'"  . DC  A 1 6 ? -7.387  -3.305  -5.322 1.00 10.82 ? 6   DC  A "C4'"  1 
ATOM   111 O  "O4'"  . DC  A 1 6 ? -5.998  -2.890  -5.228 1.00 10.83 ? 6   DC  A "O4'"  1 
ATOM   112 C  "C3'"  . DC  A 1 6 ? -7.422  -4.590  -4.510 1.00 10.77 ? 6   DC  A "C3'"  1 
ATOM   113 O  "O3'"  . DC  A 1 6 ? -8.574  -5.372  -4.814 1.00 11.14 ? 6   DC  A "O3'"  1 
ATOM   114 C  "C2'"  . DC  A 1 6 ? -6.126  -5.237  -4.986 1.00 10.75 ? 6   DC  A "C2'"  1 
ATOM   115 C  "C1'"  . DC  A 1 6 ? -5.198  -4.028  -4.960 1.00 10.54 ? 6   DC  A "C1'"  1 
ATOM   116 N  N1     . DC  A 1 6 ? -4.488  -3.853  -3.646 1.00 9.99  ? 6   DC  A N1     1 
ATOM   117 C  C2     . DC  A 1 6 ? -3.352  -4.628  -3.410 1.00 10.42 ? 6   DC  A C2     1 
ATOM   118 O  O2     . DC  A 1 6 ? -2.974  -5.422  -4.282 1.00 10.79 ? 6   DC  A O2     1 
ATOM   119 N  N3     . DC  A 1 6 ? -2.699  -4.477  -2.225 1.00 9.97  ? 6   DC  A N3     1 
ATOM   120 C  C4     . DC  A 1 6 ? -3.144  -3.623  -1.300 1.00 9.97  ? 6   DC  A C4     1 
ATOM   121 N  N4     . DC  A 1 6 ? -2.457  -3.513  -0.157 1.00 10.09 ? 6   DC  A N4     1 
ATOM   122 C  C5     . DC  A 1 6 ? -4.308  -2.828  -1.522 1.00 9.85  ? 6   DC  A C5     1 
ATOM   123 C  C6     . DC  A 1 6 ? -4.936  -2.974  -2.694 1.00 10.49 ? 6   DC  A C6     1 
ATOM   124 P  P      . DA  A 1 7 ? -9.135  -6.470  -3.785 1.00 10.80 ? 7   DA  A P      1 
ATOM   125 O  OP1    . DA  A 1 7 ? -10.428 -6.959  -4.331 1.00 11.69 ? 7   DA  A OP1    1 
ATOM   126 O  OP2    . DA  A 1 7 ? -9.114  -5.904  -2.420 1.00 11.65 ? 7   DA  A OP2    1 
ATOM   127 O  "O5'"  . DA  A 1 7 ? -8.059  -7.648  -3.829 1.00 10.21 ? 7   DA  A "O5'"  1 
ATOM   128 C  "C5'"  . DA  A 1 7 ? -7.942  -8.513  -4.960 1.00 9.76  ? 7   DA  A "C5'"  1 
ATOM   129 C  "C4'"  . DA  A 1 7 ? -6.897  -9.568  -4.677 1.00 9.06  ? 7   DA  A "C4'"  1 
ATOM   130 O  "O4'"  . DA  A 1 7 ? -5.611  -8.921  -4.507 1.00 9.42  ? 7   DA  A "O4'"  1 
ATOM   131 C  "C3'"  . DA  A 1 7 ? -7.108  -10.360 -3.397 1.00 9.00  ? 7   DA  A "C3'"  1 
ATOM   132 O  "O3'"  . DA  A 1 7 ? -7.992  -11.436 -3.656 1.00 10.11 ? 7   DA  A "O3'"  1 
ATOM   133 C  "C2'"  . DA  A 1 7 ? -5.697  -10.848 -3.111 1.00 8.62  ? 7   DA  A "C2'"  1 
ATOM   134 C  "C1'"  . DA  A 1 7 ? -4.883  -9.628  -3.514 1.00 8.78  ? 7   DA  A "C1'"  1 
ATOM   135 N  N9     . DA  A 1 7 ? -4.594  -8.709  -2.417 1.00 8.34  ? 7   DA  A N9     1 
ATOM   136 C  C8     . DA  A 1 7 ? -5.240  -7.542  -2.097 1.00 8.60  ? 7   DA  A C8     1 
ATOM   137 N  N7     . DA  A 1 7 ? -4.727  -6.911  -1.065 1.00 8.76  ? 7   DA  A N7     1 
ATOM   138 C  C5     . DA  A 1 7 ? -3.673  -7.724  -0.679 1.00 7.67  ? 7   DA  A C5     1 
ATOM   139 C  C6     . DA  A 1 7 ? -2.712  -7.623  0.356  1.00 8.28  ? 7   DA  A C6     1 
ATOM   140 N  N6     . DA  A 1 7 ? -2.670  -6.609  1.226  1.00 8.54  ? 7   DA  A N6     1 
ATOM   141 N  N1     . DA  A 1 7 ? -1.795  -8.614  0.463  1.00 8.69  ? 7   DA  A N1     1 
ATOM   142 C  C2     . DA  A 1 7 ? -1.833  -9.634  -0.402 1.00 8.81  ? 7   DA  A C2     1 
ATOM   143 N  N3     . DA  A 1 7 ? -2.679  -9.833  -1.416 1.00 8.22  ? 7   DA  A N3     1 
ATOM   144 C  C4     . DA  A 1 7 ? -3.579  -8.834  -1.501 1.00 8.28  ? 7   DA  A C4     1 
ATOM   145 P  P      . DC  A 1 8 ? -8.742  -12.223 -2.479 1.00 10.36 ? 8   DC  A P      1 
ATOM   146 O  OP1    . DC  A 1 8 ? -9.714  -13.110 -3.158 1.00 10.43 ? 8   DC  A OP1    1 
ATOM   147 O  OP2    . DC  A 1 8 ? -9.189  -11.274 -1.435 1.00 11.84 ? 8   DC  A OP2    1 
ATOM   148 O  "O5'"  . DC  A 1 8 ? -7.604  -13.092 -1.769 1.00 11.94 ? 8   DC  A "O5'"  1 
ATOM   149 C  "C5'"  . DC  A 1 8 ? -7.050  -14.233 -2.388 1.00 12.14 ? 8   DC  A "C5'"  1 
ATOM   150 C  "C4'"  . DC  A 1 8 ? -5.923  -14.821 -1.558 1.00 12.48 ? 8   DC  A "C4'"  1 
ATOM   151 O  "O4'"  . DC  A 1 8 ? -5.040  -13.763 -1.098 1.00 10.13 ? 8   DC  A "O4'"  1 
ATOM   152 C  "C3'"  . DC  A 1 8 ? -6.359  -15.609 -0.329 1.00 14.07 ? 8   DC  A "C3'"  1 
ATOM   153 O  "O3'"  . DC  A 1 8 ? -5.633  -16.834 -0.259 1.00 16.81 ? 8   DC  A "O3'"  1 
ATOM   154 C  "C2'"  . DC  A 1 8 ? -6.022  -14.688 0.838  1.00 12.68 ? 8   DC  A "C2'"  1 
ATOM   155 C  "C1'"  . DC  A 1 8 ? -4.878  -13.829 0.298  1.00 11.04 ? 8   DC  A "C1'"  1 
ATOM   156 N  N1     . DC  A 1 8 ? -4.895  -12.434 0.842  1.00 9.92  ? 8   DC  A N1     1 
ATOM   157 C  C2     . DC  A 1 8 ? -3.901  -12.011 1.741  1.00 9.94  ? 8   DC  A C2     1 
ATOM   158 O  O2     . DC  A 1 8 ? -2.995  -12.789 2.075  1.00 10.37 ? 8   DC  A O2     1 
ATOM   159 N  N3     . DC  A 1 8 ? -3.955  -10.745 2.232  1.00 9.31  ? 8   DC  A N3     1 
ATOM   160 C  C4     . DC  A 1 8 ? -4.940  -9.922  1.861  1.00 9.39  ? 8   DC  A C4     1 
ATOM   161 N  N4     . DC  A 1 8 ? -4.947  -8.687  2.370  1.00 9.67  ? 8   DC  A N4     1 
ATOM   162 C  C5     . DC  A 1 8 ? -5.955  -10.327 0.942  1.00 9.41  ? 8   DC  A C5     1 
ATOM   163 C  C6     . DC  A 1 8 ? -5.899  -11.578 0.473  1.00 9.41  ? 8   DC  A C6     1 
HETATM 164 O  O      . HOH B 2 . ? 7.006   2.800   7.728  1.00 37.56 ? 101 HOH A O      1 
HETATM 165 O  O      . HOH B 2 . ? 11.641  -0.577  3.224  1.00 17.65 ? 102 HOH A O      1 
HETATM 166 O  O      . HOH B 2 . ? 15.143  -0.659  0.105  1.00 18.84 ? 103 HOH A O      1 
HETATM 167 O  O      . HOH B 2 . ? 4.795   9.829   -4.037 1.00 14.35 ? 104 HOH A O      1 
HETATM 168 O  O      . HOH B 2 . ? -12.489 3.214   -0.697 1.00 18.90 ? 105 HOH A O      1 
HETATM 169 O  O      . HOH B 2 . ? 9.552   3.390   8.505  1.00 21.91 ? 106 HOH A O      1 
HETATM 170 O  O      . HOH B 2 . ? -18.600 8.171   5.588  1.00 10.71 ? 107 HOH A O      1 
HETATM 171 O  O      . HOH B 2 . ? -23.441 8.181   6.338  1.00 14.24 ? 108 HOH A O      1 
HETATM 172 O  O      . HOH B 2 . ? 3.330   -0.602  0.897  1.00 18.60 ? 109 HOH A O      1 
HETATM 173 O  O      . HOH B 2 . ? 6.225   0.806   1.143  1.00 20.12 ? 110 HOH A O      1 
HETATM 174 O  O      . HOH B 2 . ? 10.004  -1.755  1.396  1.00 24.37 ? 111 HOH A O      1 
HETATM 175 O  O      . HOH B 2 . ? -7.084  -6.851  1.781  1.00 20.91 ? 112 HOH A O      1 
HETATM 176 O  O      . HOH B 2 . ? -6.071  -4.878  0.470  1.00 20.61 ? 113 HOH A O      1 
HETATM 177 O  O      . HOH B 2 . ? -3.376  -5.403  4.478  1.00 16.25 ? 114 HOH A O      1 
HETATM 178 O  O      . HOH B 2 . ? -1.781  -4.846  6.730  1.00 19.74 ? 115 HOH A O      1 
HETATM 179 O  O      . HOH B 2 . ? 7.944   0.998   3.963  1.00 21.41 ? 116 HOH A O      1 
HETATM 180 O  O      . HOH B 2 . ? 0.923   -4.062  2.387  1.00 9.81  ? 117 HOH A O      1 
HETATM 181 O  O      . HOH B 2 . ? 3.783   -2.819  2.312  1.00 9.94  ? 118 HOH A O      1 
HETATM 182 O  O      . HOH B 2 . ? -2.056  3.022   2.120  1.00 21.89 ? 119 HOH A O      1 
HETATM 183 O  O      . HOH B 2 . ? -1.283  0.337   1.370  1.00 16.05 ? 120 HOH A O      1 
HETATM 184 O  O      . HOH B 2 . ? -5.636  8.345   0.530  1.00 30.85 ? 121 HOH A O      1 
HETATM 185 O  O      . HOH B 2 . ? 4.584   10.654  2.245  1.00 28.69 ? 122 HOH A O      1 
HETATM 186 O  O      . HOH B 2 . ? -11.355 -15.259 -2.873 1.00 20.23 ? 123 HOH A O      1 
HETATM 187 O  O      . HOH B 2 . ? -10.407 0.483   -5.900 1.00 21.78 ? 124 HOH A O      1 
HETATM 188 O  O      . HOH B 2 . ? 12.978  1.397   7.963  1.00 16.30 ? 125 HOH A O      1 
HETATM 189 O  O      . HOH B 2 . ? -24.806 11.030  3.139  1.00 32.83 ? 126 HOH A O      1 
HETATM 190 O  O      . HOH B 2 . ? -21.291 8.924   2.130  1.00 20.89 ? 127 HOH A O      1 
HETATM 191 O  O      . HOH B 2 . ? -12.140 1.411   0.963  1.00 19.03 ? 128 HOH A O      1 
HETATM 192 O  O      . HOH B 2 . ? -9.448  1.603   -0.077 1.00 29.31 ? 129 HOH A O      1 
HETATM 193 O  O      . HOH B 2 . ? -1.691  -3.840  2.775  1.00 24.65 ? 130 HOH A O      1 
HETATM 194 O  O      . HOH B 2 . ? -3.295  -1.671  2.148  1.00 23.47 ? 131 HOH A O      1 
HETATM 195 O  O      . HOH B 2 . ? -0.909  -1.400  3.276  1.00 16.20 ? 132 HOH A O      1 
HETATM 196 O  O      . HOH B 2 . ? -5.875  -4.329  4.609  1.00 34.36 ? 133 HOH A O      1 
HETATM 197 O  O      . HOH B 2 . ? 6.468   9.333   0.409  1.00 25.55 ? 134 HOH A O      1 
HETATM 198 O  O      . HOH B 2 . ? 0.724   -1.688  1.387  1.00 27.32 ? 135 HOH A O      1 
HETATM 199 O  O      . HOH B 2 . ? 6.018   2.907   3.805  1.00 20.52 ? 136 HOH A O      1 
HETATM 200 O  O      . HOH B 2 . ? 6.732   10.010  -2.139 1.00 32.39 ? 137 HOH A O      1 
HETATM 201 O  O      . HOH B 2 . ? -6.213  -0.457  0.394  1.00 29.10 ? 138 HOH A O      1 
HETATM 202 O  O      . HOH B 2 . ? -0.127  8.700   5.700  1.00 26.78 ? 139 HOH A O      1 
HETATM 203 O  O      . HOH B 2 . ? 3.566   1.385   3.621  1.00 31.70 ? 140 HOH A O      1 
HETATM 204 O  O      . HOH B 2 . ? 1.453   3.170   4.651  1.00 30.84 ? 141 HOH A O      1 
HETATM 205 O  O      . HOH B 2 . ? -8.110  -3.885  -0.979 1.00 31.48 ? 142 HOH A O      1 
HETATM 206 O  O      . HOH B 2 . ? -1.098  10.532  2.900  1.00 43.05 ? 143 HOH A O      1 
HETATM 207 O  O      . HOH B 2 . ? 7.891   13.188  -1.842 1.00 29.96 ? 144 HOH A O      1 
HETATM 208 O  O      . HOH B 2 . ? 1.442   7.192   7.353  1.00 33.34 ? 145 HOH A O      1 
HETATM 209 O  O      . HOH B 2 . ? -8.718  -8.281  -0.545 1.00 20.04 ? 146 HOH A O      1 
# 
loop_
_pdbx_poly_seq_scheme.asym_id 
_pdbx_poly_seq_scheme.entity_id 
_pdbx_poly_seq_scheme.seq_id 
_pdbx_poly_seq_scheme.mon_id 
_pdbx_poly_seq_scheme.ndb_seq_num 
_pdbx_poly_seq_scheme.pdb_seq_num 
_pdbx_poly_seq_scheme.auth_seq_num 
_pdbx_poly_seq_scheme.pdb_mon_id 
_pdbx_poly_seq_scheme.auth_mon_id 
_pdbx_poly_seq_scheme.pdb_strand_id 
_pdbx_poly_seq_scheme.pdb_ins_code 
_pdbx_poly_seq_scheme.hetero 
A 1 1 DG  1 1 1 DG  G   A . n 
A 1 2 DT  2 2 2 DT  T   A . n 
A 1 3 XUG 3 3 3 XUG XUG A . n 
A 1 4 DT  4 4 4 DT  T   A . n 
A 1 5 DA  5 5 5 DA  A   A . n 
A 1 6 DC  6 6 6 DC  C   A . n 
A 1 7 DA  7 7 7 DA  A   A . n 
A 1 8 DC  8 8 8 DC  C   A . n 
# 
loop_
_pdbx_nonpoly_scheme.asym_id 
_pdbx_nonpoly_scheme.entity_id 
_pdbx_nonpoly_scheme.mon_id 
_pdbx_nonpoly_scheme.ndb_seq_num 
_pdbx_nonpoly_scheme.pdb_seq_num 
_pdbx_nonpoly_scheme.auth_seq_num 
_pdbx_nonpoly_scheme.pdb_mon_id 
_pdbx_nonpoly_scheme.auth_mon_id 
_pdbx_nonpoly_scheme.pdb_strand_id 
_pdbx_nonpoly_scheme.pdb_ins_code 
B 2 HOH 1  101 101 HOH HOH A . 
B 2 HOH 2  102 102 HOH HOH A . 
B 2 HOH 3  103 103 HOH HOH A . 
B 2 HOH 4  104 104 HOH HOH A . 
B 2 HOH 5  105 105 HOH HOH A . 
B 2 HOH 6  106 106 HOH HOH A . 
B 2 HOH 7  107 107 HOH HOH A . 
B 2 HOH 8  108 108 HOH HOH A . 
B 2 HOH 9  109 109 HOH HOH A . 
B 2 HOH 10 110 110 HOH HOH A . 
B 2 HOH 11 111 111 HOH HOH A . 
B 2 HOH 12 112 112 HOH HOH A . 
B 2 HOH 13 113 113 HOH HOH A . 
B 2 HOH 14 114 114 HOH HOH A . 
B 2 HOH 15 115 115 HOH HOH A . 
B 2 HOH 16 116 116 HOH HOH A . 
B 2 HOH 17 117 117 HOH HOH A . 
B 2 HOH 18 118 118 HOH HOH A . 
B 2 HOH 19 119 119 HOH HOH A . 
B 2 HOH 20 120 120 HOH HOH A . 
B 2 HOH 21 121 121 HOH HOH A . 
B 2 HOH 22 122 122 HOH HOH A . 
B 2 HOH 23 123 123 HOH HOH A . 
B 2 HOH 24 124 124 HOH HOH A . 
B 2 HOH 25 125 125 HOH HOH A . 
B 2 HOH 26 126 126 HOH HOH A . 
B 2 HOH 27 127 127 HOH HOH A . 
B 2 HOH 28 128 128 HOH HOH A . 
B 2 HOH 29 129 129 HOH HOH A . 
B 2 HOH 30 130 130 HOH HOH A . 
B 2 HOH 31 131 131 HOH HOH A . 
B 2 HOH 32 132 132 HOH HOH A . 
B 2 HOH 33 133 133 HOH HOH A . 
B 2 HOH 34 134 134 HOH HOH A . 
B 2 HOH 35 135 135 HOH HOH A . 
B 2 HOH 36 136 136 HOH HOH A . 
B 2 HOH 37 137 137 HOH HOH A . 
B 2 HOH 38 138 138 HOH HOH A . 
B 2 HOH 39 139 139 HOH HOH A . 
B 2 HOH 40 140 140 HOH HOH A . 
B 2 HOH 41 141 141 HOH HOH A . 
B 2 HOH 42 142 142 HOH HOH A . 
B 2 HOH 43 143 143 HOH HOH A . 
B 2 HOH 44 144 144 HOH HOH A . 
B 2 HOH 45 145 145 HOH HOH A . 
B 2 HOH 46 146 146 HOH HOH A . 
# 
_pdbx_struct_mod_residue.id               1 
_pdbx_struct_mod_residue.label_asym_id    A 
_pdbx_struct_mod_residue.label_comp_id    XUG 
_pdbx_struct_mod_residue.label_seq_id     3 
_pdbx_struct_mod_residue.auth_asym_id     A 
_pdbx_struct_mod_residue.auth_comp_id     XUG 
_pdbx_struct_mod_residue.auth_seq_id      3 
_pdbx_struct_mod_residue.PDB_ins_code     ? 
_pdbx_struct_mod_residue.parent_comp_id   DG 
_pdbx_struct_mod_residue.details          ? 
# 
_pdbx_struct_assembly.id                   1 
_pdbx_struct_assembly.details              author_and_software_defined_assembly 
_pdbx_struct_assembly.method_details       PISA 
_pdbx_struct_assembly.oligomeric_details   dimeric 
_pdbx_struct_assembly.oligomeric_count     2 
# 
_pdbx_struct_assembly_gen.assembly_id       1 
_pdbx_struct_assembly_gen.oper_expression   1,2 
_pdbx_struct_assembly_gen.asym_id_list      A,B 
# 
loop_
_pdbx_struct_assembly_prop.biol_id 
_pdbx_struct_assembly_prop.type 
_pdbx_struct_assembly_prop.value 
_pdbx_struct_assembly_prop.details 
1 'ABSA (A^2)' 1990 ? 
1 MORE         3    ? 
1 'SSA (A^2)'  2860 ? 
# 
loop_
_pdbx_struct_oper_list.id 
_pdbx_struct_oper_list.type 
_pdbx_struct_oper_list.name 
_pdbx_struct_oper_list.symmetry_operation 
_pdbx_struct_oper_list.matrix[1][1] 
_pdbx_struct_oper_list.matrix[1][2] 
_pdbx_struct_oper_list.matrix[1][3] 
_pdbx_struct_oper_list.vector[1] 
_pdbx_struct_oper_list.matrix[2][1] 
_pdbx_struct_oper_list.matrix[2][2] 
_pdbx_struct_oper_list.matrix[2][3] 
_pdbx_struct_oper_list.vector[2] 
_pdbx_struct_oper_list.matrix[3][1] 
_pdbx_struct_oper_list.matrix[3][2] 
_pdbx_struct_oper_list.matrix[3][3] 
_pdbx_struct_oper_list.vector[3] 
1 'identity operation'         1_555 x,y,z        1.0000000000  0.0000000000  0.0000000000 0.0000000000 0.0000000000  1.0000000000  0.0000000000  0.0000000000  0.0000000000 0.0000000000  1.0000000000 0.0000000000  
2 'crystal symmetry operation' 7_644 y+1,x-1,-z-1 -0.3012597820 -0.1605827389 0.9399232563 4.1310801879 -0.1605827389 -0.9630952743 -0.2160108249 -3.2501039039 0.9399232563 -0.2160108249 0.2643550564 -3.6263199521 
# 
loop_
_pdbx_audit_revision_history.ordinal 
_pdbx_audit_revision_history.data_content_type 
_pdbx_audit_revision_history.major_revision 
_pdbx_audit_revision_history.minor_revision 
_pdbx_audit_revision_history.revision_date 
1 'Structure model' 1 0 2009-08-11 
2 'Structure model' 1 1 2011-07-13 
3 'Structure model' 1 2 2023-09-06 
# 
_pdbx_audit_revision_details.ordinal             1 
_pdbx_audit_revision_details.revision_ordinal    1 
_pdbx_audit_revision_details.data_content_type   'Structure model' 
_pdbx_audit_revision_details.provider            repository 
_pdbx_audit_revision_details.type                'Initial release' 
_pdbx_audit_revision_details.description         ? 
_pdbx_audit_revision_details.details             ? 
# 
loop_
_pdbx_audit_revision_group.ordinal 
_pdbx_audit_revision_group.revision_ordinal 
_pdbx_audit_revision_group.data_content_type 
_pdbx_audit_revision_group.group 
1 2 'Structure model' Advisory                    
2 2 'Structure model' 'Version format compliance' 
3 3 'Structure model' 'Data collection'           
4 3 'Structure model' 'Database references'       
5 3 'Structure model' 'Derived calculations'      
6 3 'Structure model' 'Refinement description'    
# 
loop_
_pdbx_audit_revision_category.ordinal 
_pdbx_audit_revision_category.revision_ordinal 
_pdbx_audit_revision_category.data_content_type 
_pdbx_audit_revision_category.category 
1 3 'Structure model' chem_comp_atom                
2 3 'Structure model' chem_comp_bond                
3 3 'Structure model' database_2                    
4 3 'Structure model' pdbx_initial_refinement_model 
5 3 'Structure model' struct_conn                   
# 
loop_
_pdbx_audit_revision_item.ordinal 
_pdbx_audit_revision_item.revision_ordinal 
_pdbx_audit_revision_item.data_content_type 
_pdbx_audit_revision_item.item 
1 3 'Structure model' '_database_2.pdbx_DOI'                
2 3 'Structure model' '_database_2.pdbx_database_accession' 
3 3 'Structure model' '_struct_conn.pdbx_leaving_atom_flag' 
# 
_pdbx_refine_tls.pdbx_refine_id   'X-RAY DIFFRACTION' 
_pdbx_refine_tls.id               1 
_pdbx_refine_tls.details          ? 
_pdbx_refine_tls.method           refined 
_pdbx_refine_tls.origin_x         0.4574 
_pdbx_refine_tls.origin_y         -0.4944 
_pdbx_refine_tls.origin_z         -0.6249 
_pdbx_refine_tls.T[1][1]          -0.0196 
_pdbx_refine_tls.T[2][2]          -0.0011 
_pdbx_refine_tls.T[3][3]          -0.0221 
_pdbx_refine_tls.T[1][2]          -0.0051 
_pdbx_refine_tls.T[1][3]          0.0036 
_pdbx_refine_tls.T[2][3]          -0.0005 
_pdbx_refine_tls.L[1][1]          5.6729 
_pdbx_refine_tls.L[2][2]          1.7059 
_pdbx_refine_tls.L[3][3]          0.7759 
_pdbx_refine_tls.L[1][2]          2.4330 
_pdbx_refine_tls.L[1][3]          0.1811 
_pdbx_refine_tls.L[2][3]          0.1761 
_pdbx_refine_tls.S[1][1]          0.0361 
_pdbx_refine_tls.S[1][2]          -0.1209 
_pdbx_refine_tls.S[1][3]          0.2434 
_pdbx_refine_tls.S[2][1]          0.0720 
_pdbx_refine_tls.S[2][2]          -0.0398 
_pdbx_refine_tls.S[2][3]          0.1892 
_pdbx_refine_tls.S[3][1]          0.0375 
_pdbx_refine_tls.S[3][2]          0.0233 
_pdbx_refine_tls.S[3][3]          0.0038 
# 
_pdbx_refine_tls_group.pdbx_refine_id      'X-RAY DIFFRACTION' 
_pdbx_refine_tls_group.id                  1 
_pdbx_refine_tls_group.refine_tls_id       1 
_pdbx_refine_tls_group.beg_auth_asym_id    A 
_pdbx_refine_tls_group.beg_auth_seq_id     1 
_pdbx_refine_tls_group.beg_label_asym_id   ? 
_pdbx_refine_tls_group.beg_label_seq_id    ? 
_pdbx_refine_tls_group.end_auth_asym_id    A 
_pdbx_refine_tls_group.end_auth_seq_id     8 
_pdbx_refine_tls_group.end_label_asym_id   ? 
_pdbx_refine_tls_group.end_label_seq_id    ? 
_pdbx_refine_tls_group.selection           ? 
_pdbx_refine_tls_group.selection_details   ? 
# 
loop_
_software.name 
_software.classification 
_software.version 
_software.citation_id 
_software.pdbx_ordinal 
CBASS    'data collection' .        ? 1 
PHASES   phasing           .        ? 2 
REFMAC   refinement        5.2.0019 ? 3 
HKL-2000 'data reduction'  .        ? 4 
HKL-2000 'data scaling'    .        ? 5 
# 
loop_
_pdbx_validate_rmsd_angle.id 
_pdbx_validate_rmsd_angle.PDB_model_num 
_pdbx_validate_rmsd_angle.auth_atom_id_1 
_pdbx_validate_rmsd_angle.auth_asym_id_1 
_pdbx_validate_rmsd_angle.auth_comp_id_1 
_pdbx_validate_rmsd_angle.auth_seq_id_1 
_pdbx_validate_rmsd_angle.PDB_ins_code_1 
_pdbx_validate_rmsd_angle.label_alt_id_1 
_pdbx_validate_rmsd_angle.auth_atom_id_2 
_pdbx_validate_rmsd_angle.auth_asym_id_2 
_pdbx_validate_rmsd_angle.auth_comp_id_2 
_pdbx_validate_rmsd_angle.auth_seq_id_2 
_pdbx_validate_rmsd_angle.PDB_ins_code_2 
_pdbx_validate_rmsd_angle.label_alt_id_2 
_pdbx_validate_rmsd_angle.auth_atom_id_3 
_pdbx_validate_rmsd_angle.auth_asym_id_3 
_pdbx_validate_rmsd_angle.auth_comp_id_3 
_pdbx_validate_rmsd_angle.auth_seq_id_3 
_pdbx_validate_rmsd_angle.PDB_ins_code_3 
_pdbx_validate_rmsd_angle.label_alt_id_3 
_pdbx_validate_rmsd_angle.angle_value 
_pdbx_validate_rmsd_angle.angle_target_value 
_pdbx_validate_rmsd_angle.angle_deviation 
_pdbx_validate_rmsd_angle.angle_standard_deviation 
_pdbx_validate_rmsd_angle.linker_flag 
1 1 "O4'" A DT 2 ? ? "C1'" A DT 2 ? ? N1 A DT 2 ? ? 110.27 108.30 1.97 0.30 N 
2 1 "O4'" A DT 4 ? ? "C1'" A DT 4 ? ? N1 A DT 4 ? ? 110.79 108.30 2.49 0.30 N 
# 
loop_
_chem_comp_atom.comp_id 
_chem_comp_atom.atom_id 
_chem_comp_atom.type_symbol 
_chem_comp_atom.pdbx_aromatic_flag 
_chem_comp_atom.pdbx_stereo_config 
_chem_comp_atom.pdbx_ordinal 
DA  OP3    O  N N 1   
DA  P      P  N N 2   
DA  OP1    O  N N 3   
DA  OP2    O  N N 4   
DA  "O5'"  O  N N 5   
DA  "C5'"  C  N N 6   
DA  "C4'"  C  N R 7   
DA  "O4'"  O  N N 8   
DA  "C3'"  C  N S 9   
DA  "O3'"  O  N N 10  
DA  "C2'"  C  N N 11  
DA  "C1'"  C  N R 12  
DA  N9     N  Y N 13  
DA  C8     C  Y N 14  
DA  N7     N  Y N 15  
DA  C5     C  Y N 16  
DA  C6     C  Y N 17  
DA  N6     N  N N 18  
DA  N1     N  Y N 19  
DA  C2     C  Y N 20  
DA  N3     N  Y N 21  
DA  C4     C  Y N 22  
DA  HOP3   H  N N 23  
DA  HOP2   H  N N 24  
DA  "H5'"  H  N N 25  
DA  "H5''" H  N N 26  
DA  "H4'"  H  N N 27  
DA  "H3'"  H  N N 28  
DA  "HO3'" H  N N 29  
DA  "H2'"  H  N N 30  
DA  "H2''" H  N N 31  
DA  "H1'"  H  N N 32  
DA  H8     H  N N 33  
DA  H61    H  N N 34  
DA  H62    H  N N 35  
DA  H2     H  N N 36  
DC  OP3    O  N N 37  
DC  P      P  N N 38  
DC  OP1    O  N N 39  
DC  OP2    O  N N 40  
DC  "O5'"  O  N N 41  
DC  "C5'"  C  N N 42  
DC  "C4'"  C  N R 43  
DC  "O4'"  O  N N 44  
DC  "C3'"  C  N S 45  
DC  "O3'"  O  N N 46  
DC  "C2'"  C  N N 47  
DC  "C1'"  C  N R 48  
DC  N1     N  N N 49  
DC  C2     C  N N 50  
DC  O2     O  N N 51  
DC  N3     N  N N 52  
DC  C4     C  N N 53  
DC  N4     N  N N 54  
DC  C5     C  N N 55  
DC  C6     C  N N 56  
DC  HOP3   H  N N 57  
DC  HOP2   H  N N 58  
DC  "H5'"  H  N N 59  
DC  "H5''" H  N N 60  
DC  "H4'"  H  N N 61  
DC  "H3'"  H  N N 62  
DC  "HO3'" H  N N 63  
DC  "H2'"  H  N N 64  
DC  "H2''" H  N N 65  
DC  "H1'"  H  N N 66  
DC  H41    H  N N 67  
DC  H42    H  N N 68  
DC  H5     H  N N 69  
DC  H6     H  N N 70  
DG  OP3    O  N N 71  
DG  P      P  N N 72  
DG  OP1    O  N N 73  
DG  OP2    O  N N 74  
DG  "O5'"  O  N N 75  
DG  "C5'"  C  N N 76  
DG  "C4'"  C  N R 77  
DG  "O4'"  O  N N 78  
DG  "C3'"  C  N S 79  
DG  "O3'"  O  N N 80  
DG  "C2'"  C  N N 81  
DG  "C1'"  C  N R 82  
DG  N9     N  Y N 83  
DG  C8     C  Y N 84  
DG  N7     N  Y N 85  
DG  C5     C  Y N 86  
DG  C6     C  N N 87  
DG  O6     O  N N 88  
DG  N1     N  N N 89  
DG  C2     C  N N 90  
DG  N2     N  N N 91  
DG  N3     N  N N 92  
DG  C4     C  Y N 93  
DG  HOP3   H  N N 94  
DG  HOP2   H  N N 95  
DG  "H5'"  H  N N 96  
DG  "H5''" H  N N 97  
DG  "H4'"  H  N N 98  
DG  "H3'"  H  N N 99  
DG  "HO3'" H  N N 100 
DG  "H2'"  H  N N 101 
DG  "H2''" H  N N 102 
DG  "H1'"  H  N N 103 
DG  H8     H  N N 104 
DG  H1     H  N N 105 
DG  H21    H  N N 106 
DG  H22    H  N N 107 
DT  OP3    O  N N 108 
DT  P      P  N N 109 
DT  OP1    O  N N 110 
DT  OP2    O  N N 111 
DT  "O5'"  O  N N 112 
DT  "C5'"  C  N N 113 
DT  "C4'"  C  N R 114 
DT  "O4'"  O  N N 115 
DT  "C3'"  C  N S 116 
DT  "O3'"  O  N N 117 
DT  "C2'"  C  N N 118 
DT  "C1'"  C  N R 119 
DT  N1     N  N N 120 
DT  C2     C  N N 121 
DT  O2     O  N N 122 
DT  N3     N  N N 123 
DT  C4     C  N N 124 
DT  O4     O  N N 125 
DT  C5     C  N N 126 
DT  C7     C  N N 127 
DT  C6     C  N N 128 
DT  HOP3   H  N N 129 
DT  HOP2   H  N N 130 
DT  "H5'"  H  N N 131 
DT  "H5''" H  N N 132 
DT  "H4'"  H  N N 133 
DT  "H3'"  H  N N 134 
DT  "HO3'" H  N N 135 
DT  "H2'"  H  N N 136 
DT  "H2''" H  N N 137 
DT  "H1'"  H  N N 138 
DT  H3     H  N N 139 
DT  H71    H  N N 140 
DT  H72    H  N N 141 
DT  H73    H  N N 142 
DT  H6     H  N N 143 
HOH O      O  N N 144 
HOH H1     H  N N 145 
HOH H2     H  N N 146 
XUG O6     O  N N 147 
XUG C6     C  N N 148 
XUG C5     C  Y N 149 
XUG N7     N  Y N 150 
XUG C8     C  Y N 151 
XUG N1     N  N N 152 
XUG C2     C  N N 153 
XUG N2     N  N N 154 
XUG N3     N  N N 155 
XUG C4     C  Y N 156 
XUG N9     N  Y N 157 
XUG "C1'"  C  N R 158 
XUG "O4'"  O  N N 159 
XUG "C2'"  C  N R 160 
XUG "SE2'" SE N N 161 
XUG "CA'"  C  N N 162 
XUG "C3'"  C  N R 163 
XUG "O3'"  O  N N 164 
XUG "C4'"  C  N R 165 
XUG "C5'"  C  N N 166 
XUG "O5'"  O  N N 167 
XUG P      P  N N 168 
XUG OP1    O  N N 169 
XUG OP2    O  N N 170 
XUG OP3    O  N N 171 
XUG H8     H  N N 172 
XUG HN1    H  N N 173 
XUG HN21   H  N N 174 
XUG HN22   H  N N 175 
XUG "H1'"  H  N N 176 
XUG "H2'"  H  N N 177 
XUG "HA'1" H  N N 178 
XUG "HA'2" H  N N 179 
XUG "HA'3" H  N N 180 
XUG "H3'"  H  N N 181 
XUG "HO3'" H  N N 182 
XUG "H4'"  H  N N 183 
XUG "H5'"  H  N N 184 
XUG "H5''" H  N N 185 
XUG HOP2   H  N N 186 
XUG HOP3   H  N N 187 
# 
loop_
_chem_comp_bond.comp_id 
_chem_comp_bond.atom_id_1 
_chem_comp_bond.atom_id_2 
_chem_comp_bond.value_order 
_chem_comp_bond.pdbx_aromatic_flag 
_chem_comp_bond.pdbx_stereo_config 
_chem_comp_bond.pdbx_ordinal 
DA  OP3    P      sing N N 1   
DA  OP3    HOP3   sing N N 2   
DA  P      OP1    doub N N 3   
DA  P      OP2    sing N N 4   
DA  P      "O5'"  sing N N 5   
DA  OP2    HOP2   sing N N 6   
DA  "O5'"  "C5'"  sing N N 7   
DA  "C5'"  "C4'"  sing N N 8   
DA  "C5'"  "H5'"  sing N N 9   
DA  "C5'"  "H5''" sing N N 10  
DA  "C4'"  "O4'"  sing N N 11  
DA  "C4'"  "C3'"  sing N N 12  
DA  "C4'"  "H4'"  sing N N 13  
DA  "O4'"  "C1'"  sing N N 14  
DA  "C3'"  "O3'"  sing N N 15  
DA  "C3'"  "C2'"  sing N N 16  
DA  "C3'"  "H3'"  sing N N 17  
DA  "O3'"  "HO3'" sing N N 18  
DA  "C2'"  "C1'"  sing N N 19  
DA  "C2'"  "H2'"  sing N N 20  
DA  "C2'"  "H2''" sing N N 21  
DA  "C1'"  N9     sing N N 22  
DA  "C1'"  "H1'"  sing N N 23  
DA  N9     C8     sing Y N 24  
DA  N9     C4     sing Y N 25  
DA  C8     N7     doub Y N 26  
DA  C8     H8     sing N N 27  
DA  N7     C5     sing Y N 28  
DA  C5     C6     sing Y N 29  
DA  C5     C4     doub Y N 30  
DA  C6     N6     sing N N 31  
DA  C6     N1     doub Y N 32  
DA  N6     H61    sing N N 33  
DA  N6     H62    sing N N 34  
DA  N1     C2     sing Y N 35  
DA  C2     N3     doub Y N 36  
DA  C2     H2     sing N N 37  
DA  N3     C4     sing Y N 38  
DC  OP3    P      sing N N 39  
DC  OP3    HOP3   sing N N 40  
DC  P      OP1    doub N N 41  
DC  P      OP2    sing N N 42  
DC  P      "O5'"  sing N N 43  
DC  OP2    HOP2   sing N N 44  
DC  "O5'"  "C5'"  sing N N 45  
DC  "C5'"  "C4'"  sing N N 46  
DC  "C5'"  "H5'"  sing N N 47  
DC  "C5'"  "H5''" sing N N 48  
DC  "C4'"  "O4'"  sing N N 49  
DC  "C4'"  "C3'"  sing N N 50  
DC  "C4'"  "H4'"  sing N N 51  
DC  "O4'"  "C1'"  sing N N 52  
DC  "C3'"  "O3'"  sing N N 53  
DC  "C3'"  "C2'"  sing N N 54  
DC  "C3'"  "H3'"  sing N N 55  
DC  "O3'"  "HO3'" sing N N 56  
DC  "C2'"  "C1'"  sing N N 57  
DC  "C2'"  "H2'"  sing N N 58  
DC  "C2'"  "H2''" sing N N 59  
DC  "C1'"  N1     sing N N 60  
DC  "C1'"  "H1'"  sing N N 61  
DC  N1     C2     sing N N 62  
DC  N1     C6     sing N N 63  
DC  C2     O2     doub N N 64  
DC  C2     N3     sing N N 65  
DC  N3     C4     doub N N 66  
DC  C4     N4     sing N N 67  
DC  C4     C5     sing N N 68  
DC  N4     H41    sing N N 69  
DC  N4     H42    sing N N 70  
DC  C5     C6     doub N N 71  
DC  C5     H5     sing N N 72  
DC  C6     H6     sing N N 73  
DG  OP3    P      sing N N 74  
DG  OP3    HOP3   sing N N 75  
DG  P      OP1    doub N N 76  
DG  P      OP2    sing N N 77  
DG  P      "O5'"  sing N N 78  
DG  OP2    HOP2   sing N N 79  
DG  "O5'"  "C5'"  sing N N 80  
DG  "C5'"  "C4'"  sing N N 81  
DG  "C5'"  "H5'"  sing N N 82  
DG  "C5'"  "H5''" sing N N 83  
DG  "C4'"  "O4'"  sing N N 84  
DG  "C4'"  "C3'"  sing N N 85  
DG  "C4'"  "H4'"  sing N N 86  
DG  "O4'"  "C1'"  sing N N 87  
DG  "C3'"  "O3'"  sing N N 88  
DG  "C3'"  "C2'"  sing N N 89  
DG  "C3'"  "H3'"  sing N N 90  
DG  "O3'"  "HO3'" sing N N 91  
DG  "C2'"  "C1'"  sing N N 92  
DG  "C2'"  "H2'"  sing N N 93  
DG  "C2'"  "H2''" sing N N 94  
DG  "C1'"  N9     sing N N 95  
DG  "C1'"  "H1'"  sing N N 96  
DG  N9     C8     sing Y N 97  
DG  N9     C4     sing Y N 98  
DG  C8     N7     doub Y N 99  
DG  C8     H8     sing N N 100 
DG  N7     C5     sing Y N 101 
DG  C5     C6     sing N N 102 
DG  C5     C4     doub Y N 103 
DG  C6     O6     doub N N 104 
DG  C6     N1     sing N N 105 
DG  N1     C2     sing N N 106 
DG  N1     H1     sing N N 107 
DG  C2     N2     sing N N 108 
DG  C2     N3     doub N N 109 
DG  N2     H21    sing N N 110 
DG  N2     H22    sing N N 111 
DG  N3     C4     sing N N 112 
DT  OP3    P      sing N N 113 
DT  OP3    HOP3   sing N N 114 
DT  P      OP1    doub N N 115 
DT  P      OP2    sing N N 116 
DT  P      "O5'"  sing N N 117 
DT  OP2    HOP2   sing N N 118 
DT  "O5'"  "C5'"  sing N N 119 
DT  "C5'"  "C4'"  sing N N 120 
DT  "C5'"  "H5'"  sing N N 121 
DT  "C5'"  "H5''" sing N N 122 
DT  "C4'"  "O4'"  sing N N 123 
DT  "C4'"  "C3'"  sing N N 124 
DT  "C4'"  "H4'"  sing N N 125 
DT  "O4'"  "C1'"  sing N N 126 
DT  "C3'"  "O3'"  sing N N 127 
DT  "C3'"  "C2'"  sing N N 128 
DT  "C3'"  "H3'"  sing N N 129 
DT  "O3'"  "HO3'" sing N N 130 
DT  "C2'"  "C1'"  sing N N 131 
DT  "C2'"  "H2'"  sing N N 132 
DT  "C2'"  "H2''" sing N N 133 
DT  "C1'"  N1     sing N N 134 
DT  "C1'"  "H1'"  sing N N 135 
DT  N1     C2     sing N N 136 
DT  N1     C6     sing N N 137 
DT  C2     O2     doub N N 138 
DT  C2     N3     sing N N 139 
DT  N3     C4     sing N N 140 
DT  N3     H3     sing N N 141 
DT  C4     O4     doub N N 142 
DT  C4     C5     sing N N 143 
DT  C5     C7     sing N N 144 
DT  C5     C6     doub N N 145 
DT  C7     H71    sing N N 146 
DT  C7     H72    sing N N 147 
DT  C7     H73    sing N N 148 
DT  C6     H6     sing N N 149 
HOH O      H1     sing N N 150 
HOH O      H2     sing N N 151 
XUG O6     C6     doub N N 152 
XUG C6     C5     sing N N 153 
XUG C6     N1     sing N N 154 
XUG C5     N7     sing Y N 155 
XUG C5     C4     doub Y N 156 
XUG N7     C8     doub Y N 157 
XUG C8     N9     sing Y N 158 
XUG C8     H8     sing N N 159 
XUG N1     C2     sing N N 160 
XUG N1     HN1    sing N N 161 
XUG C2     N2     sing N N 162 
XUG C2     N3     doub N N 163 
XUG N2     HN21   sing N N 164 
XUG N2     HN22   sing N N 165 
XUG N3     C4     sing N N 166 
XUG C4     N9     sing Y N 167 
XUG N9     "C1'"  sing N N 168 
XUG "C1'"  "O4'"  sing N N 169 
XUG "C1'"  "C2'"  sing N N 170 
XUG "C1'"  "H1'"  sing N N 171 
XUG "O4'"  "C4'"  sing N N 172 
XUG "C2'"  "SE2'" sing N N 173 
XUG "C2'"  "C3'"  sing N N 174 
XUG "C2'"  "H2'"  sing N N 175 
XUG "SE2'" "CA'"  sing N N 176 
XUG "CA'"  "HA'1" sing N N 177 
XUG "CA'"  "HA'2" sing N N 178 
XUG "CA'"  "HA'3" sing N N 179 
XUG "C3'"  "O3'"  sing N N 180 
XUG "C3'"  "C4'"  sing N N 181 
XUG "C3'"  "H3'"  sing N N 182 
XUG "O3'"  "HO3'" sing N N 183 
XUG "C4'"  "C5'"  sing N N 184 
XUG "C4'"  "H4'"  sing N N 185 
XUG "C5'"  "O5'"  sing N N 186 
XUG "C5'"  "H5'"  sing N N 187 
XUG "C5'"  "H5''" sing N N 188 
XUG "O5'"  P      sing N N 189 
XUG P      OP1    doub N N 190 
XUG P      OP2    sing N N 191 
XUG P      OP3    sing N N 192 
XUG OP2    HOP2   sing N N 193 
XUG OP3    HOP3   sing N N 194 
# 
_ndb_struct_conf_na.entry_id   3IFI 
_ndb_struct_conf_na.feature    'a-form double helix' 
# 
loop_
_ndb_struct_na_base_pair.model_number 
_ndb_struct_na_base_pair.i_label_asym_id 
_ndb_struct_na_base_pair.i_label_comp_id 
_ndb_struct_na_base_pair.i_label_seq_id 
_ndb_struct_na_base_pair.i_symmetry 
_ndb_struct_na_base_pair.j_label_asym_id 
_ndb_struct_na_base_pair.j_label_comp_id 
_ndb_struct_na_base_pair.j_label_seq_id 
_ndb_struct_na_base_pair.j_symmetry 
_ndb_struct_na_base_pair.shear 
_ndb_struct_na_base_pair.stretch 
_ndb_struct_na_base_pair.stagger 
_ndb_struct_na_base_pair.buckle 
_ndb_struct_na_base_pair.propeller 
_ndb_struct_na_base_pair.opening 
_ndb_struct_na_base_pair.pair_number 
_ndb_struct_na_base_pair.pair_name 
_ndb_struct_na_base_pair.i_auth_asym_id 
_ndb_struct_na_base_pair.i_auth_seq_id 
_ndb_struct_na_base_pair.i_PDB_ins_code 
_ndb_struct_na_base_pair.j_auth_asym_id 
_ndb_struct_na_base_pair.j_auth_seq_id 
_ndb_struct_na_base_pair.j_PDB_ins_code 
_ndb_struct_na_base_pair.hbond_type_28 
_ndb_struct_na_base_pair.hbond_type_12 
1 A DG  1 1_555 A DC  8 7_644 -0.297 -0.174 -0.213 -15.227 -14.513 -2.060 1 A_DG1:DC8_A  A 1 ? A 8 ? 19 1 
1 A DT  2 1_555 A DA  7 7_644 0.027  -0.139 0.189  -4.707  -12.413 3.502  2 A_DT2:DA7_A  A 2 ? A 7 ? 20 1 
1 A XUG 3 1_555 A DC  6 7_644 -0.226 -0.164 0.135  -9.313  -17.450 -0.115 3 A_XUG3:DC6_A A 3 ? A 6 ? 19 1 
1 A DT  4 1_555 A DA  5 7_644 0.024  -0.193 0.489  -8.591  -10.873 -1.165 4 A_DT4:DA5_A  A 4 ? A 5 ? 20 1 
1 A DA  5 1_555 A DT  4 7_644 -0.024 -0.193 0.489  8.591   -10.873 -1.165 5 A_DA5:DT4_A  A 5 ? A 4 ? 20 1 
1 A DC  6 1_555 A XUG 3 7_644 0.226  -0.164 0.135  9.313   -17.450 -0.115 6 A_DC6:XUG3_A A 6 ? A 3 ? 19 1 
1 A DA  7 1_555 A DT  2 7_644 -0.027 -0.139 0.189  4.707   -12.413 3.502  7 A_DA7:DT2_A  A 7 ? A 2 ? 20 1 
1 A DC  8 1_555 A DG  1 7_644 0.297  -0.174 -0.213 15.227  -14.513 -2.060 8 A_DC8:DG1_A  A 8 ? A 1 ? 19 1 
# 
loop_
_ndb_struct_na_base_pair_step.model_number 
_ndb_struct_na_base_pair_step.i_label_asym_id_1 
_ndb_struct_na_base_pair_step.i_label_comp_id_1 
_ndb_struct_na_base_pair_step.i_label_seq_id_1 
_ndb_struct_na_base_pair_step.i_symmetry_1 
_ndb_struct_na_base_pair_step.j_label_asym_id_1 
_ndb_struct_na_base_pair_step.j_label_comp_id_1 
_ndb_struct_na_base_pair_step.j_label_seq_id_1 
_ndb_struct_na_base_pair_step.j_symmetry_1 
_ndb_struct_na_base_pair_step.i_label_asym_id_2 
_ndb_struct_na_base_pair_step.i_label_comp_id_2 
_ndb_struct_na_base_pair_step.i_label_seq_id_2 
_ndb_struct_na_base_pair_step.i_symmetry_2 
_ndb_struct_na_base_pair_step.j_label_asym_id_2 
_ndb_struct_na_base_pair_step.j_label_comp_id_2 
_ndb_struct_na_base_pair_step.j_label_seq_id_2 
_ndb_struct_na_base_pair_step.j_symmetry_2 
_ndb_struct_na_base_pair_step.shift 
_ndb_struct_na_base_pair_step.slide 
_ndb_struct_na_base_pair_step.rise 
_ndb_struct_na_base_pair_step.tilt 
_ndb_struct_na_base_pair_step.roll 
_ndb_struct_na_base_pair_step.twist 
_ndb_struct_na_base_pair_step.x_displacement 
_ndb_struct_na_base_pair_step.y_displacement 
_ndb_struct_na_base_pair_step.helical_rise 
_ndb_struct_na_base_pair_step.inclination 
_ndb_struct_na_base_pair_step.tip 
_ndb_struct_na_base_pair_step.helical_twist 
_ndb_struct_na_base_pair_step.step_number 
_ndb_struct_na_base_pair_step.step_name 
_ndb_struct_na_base_pair_step.i_auth_asym_id_1 
_ndb_struct_na_base_pair_step.i_auth_seq_id_1 
_ndb_struct_na_base_pair_step.i_PDB_ins_code_1 
_ndb_struct_na_base_pair_step.j_auth_asym_id_1 
_ndb_struct_na_base_pair_step.j_auth_seq_id_1 
_ndb_struct_na_base_pair_step.j_PDB_ins_code_1 
_ndb_struct_na_base_pair_step.i_auth_asym_id_2 
_ndb_struct_na_base_pair_step.i_auth_seq_id_2 
_ndb_struct_na_base_pair_step.i_PDB_ins_code_2 
_ndb_struct_na_base_pair_step.j_auth_asym_id_2 
_ndb_struct_na_base_pair_step.j_auth_seq_id_2 
_ndb_struct_na_base_pair_step.j_PDB_ins_code_2 
1 A DG  1 1_555 A DC  8 7_644 A DT  2 1_555 A DA  7 7_644 0.739  -1.116 3.092 -0.960 8.156  33.995 -2.973 -1.363 2.738 13.704 
1.613  34.944 1 AA_DG1DT2:DA7DC8_AA  A 1 ? A 8 ? A 2 ? A 7 ? 
1 A DT  2 1_555 A DA  7 7_644 A XUG 3 1_555 A DC  6 7_644 0.519  -1.667 3.153 1.735  13.547 30.141 -4.919 -0.659 2.244 24.529 
-3.142 33.025 2 AA_DT2XUG3:DC6DA7_AA A 2 ? A 7 ? A 3 ? A 6 ? 
1 A XUG 3 1_555 A DC  6 7_644 A DT  4 1_555 A DA  5 7_644 -0.348 -1.401 3.174 -1.909 2.222  38.842 -2.360 0.300  3.106 3.335  
2.866  38.948 3 AA_XUG3DT4:DA5DC6_AA A 3 ? A 6 ? A 4 ? A 5 ? 
1 A DT  4 1_555 A DA  5 7_644 A DA  5 1_555 A DT  4 7_644 0.000  -1.411 2.641 0.000  6.427  27.994 -3.945 0.000  2.267 13.069 
0.000  28.708 4 AA_DT4DA5:DT4DA5_AA  A 4 ? A 5 ? A 5 ? A 4 ? 
1 A DA  5 1_555 A DT  4 7_644 A DC  6 1_555 A XUG 3 7_644 0.348  -1.401 3.174 1.909  2.222  38.842 -2.360 -0.300 3.106 3.335  
-2.866 38.948 5 AA_DA5DC6:XUG3DT4_AA A 5 ? A 4 ? A 6 ? A 3 ? 
1 A DC  6 1_555 A XUG 3 7_644 A DA  7 1_555 A DT  2 7_644 -0.519 -1.667 3.153 -1.735 13.547 30.141 -4.919 0.659  2.244 24.529 
3.142  33.025 6 AA_DC6DA7:DT2XUG3_AA A 6 ? A 3 ? A 7 ? A 2 ? 
1 A DA  7 1_555 A DT  2 7_644 A DC  8 1_555 A DG  1 7_644 -0.739 -1.116 3.092 0.960  8.156  33.995 -2.973 1.363  2.738 13.704 
-1.613 34.944 7 AA_DA7DC8:DG1DT2_AA  A 7 ? A 2 ? A 8 ? A 1 ? 
# 
_pdbx_entity_nonpoly.entity_id   2 
_pdbx_entity_nonpoly.name        water 
_pdbx_entity_nonpoly.comp_id     HOH 
# 
_pdbx_initial_refinement_model.id               1 
_pdbx_initial_refinement_model.entity_id_list   ? 
_pdbx_initial_refinement_model.type             'experimental model' 
_pdbx_initial_refinement_model.source_name      PDB 
_pdbx_initial_refinement_model.accession_code   1DNS 
_pdbx_initial_refinement_model.details          ? 
# 
